data_1TYY
#
_entry.id   1TYY
#
_cell.length_a   137.430
_cell.length_b   53.987
_cell.length_c   89.485
_cell.angle_alpha   90.00
_cell.angle_beta   90.00
_cell.angle_gamma   90.00
#
_symmetry.space_group_name_H-M   'P 21 21 21'
#
loop_
_entity.id
_entity.type
_entity.pdbx_description
1 polymer 'putative sugar kinase'
2 non-polymer 'POTASSIUM ION'
3 water water
#
_entity_poly.entity_id   1
_entity_poly.type   'polypeptide(L)'
_entity_poly.pdbx_seq_one_letter_code
;MGSSHHHHHHSSGLVPRGSHMKAMNKVWVIGDASVDLVPEKQNSYLKCPGGASANVGVCVARLGGECGFIGCLGDDDAGR
FLRQVFQDNGVDVTFLRLDADLTSAVLIVNLTADGERSFTYLVHPGADTYVSPQDLPPFRQYEWFYFSSIGLTDRPAREA
CLEGARR(MSE)REAGGYVLFDVNLRSK(MSE)WGNTDEIPELIARSAALASICKVSADELCQLSGASHWQDARYYLRDL
GCDTTIISLGADGALLITAEGEFHFPAPRVDVVDTTGAGDAFVGGLLFTLSRANCWDHALLAEAISNANACGA(MSE)AV
TAKGA(MSE)TALPFPDQLNTFLSSHSLAQAMTVK
;
_entity_poly.pdbx_strand_id   A,B
#
# COMPACT_ATOMS: atom_id res chain seq x y z
N ASN A 25 -19.15 -30.92 12.76
CA ASN A 25 -19.77 -29.56 12.82
C ASN A 25 -18.97 -28.51 12.08
N LYS A 26 -19.69 -27.59 11.43
CA LYS A 26 -19.08 -26.52 10.66
C LYS A 26 -18.47 -25.42 11.52
N VAL A 27 -17.36 -24.88 11.03
CA VAL A 27 -16.63 -23.81 11.67
C VAL A 27 -16.82 -22.55 10.84
N TRP A 28 -17.33 -21.50 11.48
CA TRP A 28 -17.53 -20.24 10.79
C TRP A 28 -16.51 -19.24 11.27
N VAL A 29 -15.79 -18.68 10.33
CA VAL A 29 -14.77 -17.71 10.61
C VAL A 29 -15.25 -16.42 10.01
N ILE A 30 -15.15 -15.31 10.74
CA ILE A 30 -15.58 -14.01 10.21
C ILE A 30 -14.45 -13.00 10.42
N GLY A 31 -14.20 -12.15 9.44
CA GLY A 31 -13.13 -11.20 9.62
C GLY A 31 -12.38 -10.78 8.37
N ASP A 32 -11.06 -10.63 8.51
CA ASP A 32 -10.17 -10.18 7.44
C ASP A 32 -9.59 -11.24 6.48
N ALA A 33 -9.37 -10.85 5.23
CA ALA A 33 -8.76 -11.71 4.22
C ALA A 33 -8.01 -10.70 3.42
N SER A 34 -6.75 -10.96 3.12
CA SER A 34 -5.99 -9.98 2.41
C SER A 34 -4.81 -10.54 1.67
N VAL A 35 -4.20 -9.70 0.84
CA VAL A 35 -3.02 -10.06 0.08
C VAL A 35 -1.85 -9.57 0.90
N ASP A 36 -0.90 -10.45 1.17
CA ASP A 36 0.27 -10.08 1.94
C ASP A 36 1.47 -10.16 1.00
N LEU A 37 2.20 -9.05 0.92
CA LEU A 37 3.36 -8.96 0.08
C LEU A 37 4.57 -9.11 0.98
N VAL A 38 5.28 -10.22 0.87
CA VAL A 38 6.47 -10.44 1.68
C VAL A 38 7.71 -10.40 0.78
N PRO A 39 8.71 -9.58 1.15
CA PRO A 39 9.94 -9.46 0.37
C PRO A 39 10.78 -10.73 0.24
N GLU A 40 11.86 -10.62 -0.52
CA GLU A 40 12.80 -11.71 -0.72
C GLU A 40 14.13 -11.04 -1.02
N LYS A 41 14.19 -10.43 -2.20
CA LYS A 41 15.38 -9.74 -2.67
C LYS A 41 15.39 -8.30 -2.20
N GLN A 42 16.24 -7.47 -2.82
CA GLN A 42 16.31 -6.07 -2.46
C GLN A 42 15.52 -5.27 -3.50
N ASN A 43 14.50 -5.92 -4.07
CA ASN A 43 13.68 -5.27 -5.08
C ASN A 43 12.47 -6.09 -5.57
N SER A 44 11.75 -6.74 -4.67
CA SER A 44 10.59 -7.51 -5.11
C SER A 44 9.75 -8.08 -3.97
N TYR A 45 8.44 -8.18 -4.22
CA TYR A 45 7.48 -8.70 -3.24
C TYR A 45 6.83 -10.00 -3.68
N LEU A 46 6.67 -10.93 -2.74
CA LEU A 46 6.03 -12.22 -3.03
C LEU A 46 4.57 -12.06 -2.62
N LYS A 47 3.65 -12.36 -3.55
CA LYS A 47 2.22 -12.24 -3.28
C LYS A 47 1.57 -13.47 -2.66
N CYS A 48 1.14 -13.34 -1.41
CA CYS A 48 0.50 -14.46 -0.70
C CYS A 48 -0.89 -14.08 -0.19
N PRO A 49 -1.78 -15.07 -0.03
CA PRO A 49 -3.15 -14.85 0.47
C PRO A 49 -3.01 -14.60 1.96
N GLY A 50 -3.93 -13.87 2.56
CA GLY A 50 -3.79 -13.60 3.98
C GLY A 50 -5.03 -13.18 4.71
N GLY A 51 -4.84 -12.70 5.93
CA GLY A 51 -5.96 -12.29 6.75
C GLY A 51 -6.14 -13.27 7.88
N ALA A 52 -5.98 -12.81 9.12
CA ALA A 52 -6.12 -13.66 10.30
C ALA A 52 -7.29 -14.63 10.18
N SER A 53 -8.45 -14.13 9.79
CA SER A 53 -9.64 -14.97 9.64
C SER A 53 -9.55 -15.90 8.44
N ALA A 54 -8.91 -15.43 7.37
CA ALA A 54 -8.74 -16.20 6.15
C ALA A 54 -7.78 -17.36 6.41
N ASN A 55 -6.64 -17.05 7.02
CA ASN A 55 -5.63 -18.05 7.32
C ASN A 55 -6.19 -19.20 8.13
N VAL A 56 -7.00 -18.83 9.13
CA VAL A 56 -7.63 -19.80 10.00
C VAL A 56 -8.63 -20.65 9.22
N GLY A 57 -9.43 -20.01 8.38
CA GLY A 57 -10.40 -20.74 7.58
C GLY A 57 -9.74 -21.72 6.63
N VAL A 58 -8.67 -21.28 5.97
CA VAL A 58 -7.95 -22.13 5.04
C VAL A 58 -7.25 -23.23 5.80
N CYS A 59 -6.85 -22.95 7.03
CA CYS A 59 -6.18 -23.95 7.85
C CYS A 59 -7.18 -25.05 8.19
N VAL A 60 -8.33 -24.67 8.74
CA VAL A 60 -9.35 -25.64 9.09
C VAL A 60 -9.84 -26.42 7.88
N ALA A 61 -9.96 -25.76 6.74
CA ALA A 61 -10.41 -26.46 5.55
C ALA A 61 -9.39 -27.51 5.12
N ARG A 62 -8.13 -27.13 5.01
CA ARG A 62 -7.12 -28.07 4.58
C ARG A 62 -7.04 -29.34 5.44
N LEU A 63 -7.31 -29.23 6.74
CA LEU A 63 -7.27 -30.40 7.61
C LEU A 63 -8.49 -31.28 7.39
N GLY A 64 -9.26 -30.95 6.35
CA GLY A 64 -10.44 -31.73 6.03
C GLY A 64 -11.71 -31.31 6.73
N GLY A 65 -11.60 -30.31 7.60
CA GLY A 65 -12.76 -29.83 8.32
C GLY A 65 -13.67 -29.01 7.41
N GLU A 66 -14.91 -28.82 7.85
CA GLU A 66 -15.89 -28.03 7.11
C GLU A 66 -15.89 -26.58 7.62
N CYS A 67 -15.44 -25.66 6.78
CA CYS A 67 -15.34 -24.26 7.14
C CYS A 67 -15.99 -23.25 6.18
N GLY A 68 -16.56 -22.20 6.75
CA GLY A 68 -17.20 -21.16 5.96
C GLY A 68 -16.71 -19.77 6.33
N PHE A 69 -16.41 -18.95 5.33
CA PHE A 69 -15.94 -17.59 5.57
C PHE A 69 -17.08 -16.58 5.44
N ILE A 70 -17.24 -15.73 6.45
CA ILE A 70 -18.25 -14.67 6.46
C ILE A 70 -17.47 -13.36 6.34
N GLY A 71 -17.69 -12.61 5.27
CA GLY A 71 -16.97 -11.35 5.11
C GLY A 71 -17.27 -10.52 3.87
N CYS A 72 -16.44 -9.49 3.65
CA CYS A 72 -16.55 -8.60 2.51
C CYS A 72 -15.19 -8.42 1.88
N LEU A 73 -15.21 -8.15 0.57
CA LEU A 73 -14.01 -7.92 -0.24
C LEU A 73 -14.51 -7.17 -1.46
N GLY A 74 -13.64 -6.37 -2.07
CA GLY A 74 -14.07 -5.63 -3.26
C GLY A 74 -14.17 -6.59 -4.43
N ASP A 75 -14.89 -6.21 -5.47
CA ASP A 75 -15.00 -7.07 -6.65
C ASP A 75 -13.79 -6.78 -7.53
N ASP A 76 -12.66 -6.54 -6.87
CA ASP A 76 -11.36 -6.23 -7.50
C ASP A 76 -10.37 -7.40 -7.61
N ASP A 77 -9.15 -7.09 -8.04
CA ASP A 77 -8.09 -8.09 -8.21
C ASP A 77 -7.85 -8.89 -6.95
N ALA A 78 -7.38 -8.20 -5.92
CA ALA A 78 -7.12 -8.82 -4.62
C ALA A 78 -8.35 -9.63 -4.15
N GLY A 79 -9.53 -9.05 -4.41
CA GLY A 79 -10.77 -9.70 -4.05
C GLY A 79 -10.91 -11.07 -4.65
N ARG A 80 -11.02 -11.14 -5.99
CA ARG A 80 -11.16 -12.40 -6.72
C ARG A 80 -10.04 -13.38 -6.45
N PHE A 81 -8.82 -12.87 -6.33
CA PHE A 81 -7.68 -13.73 -6.06
C PHE A 81 -7.91 -14.50 -4.75
N LEU A 82 -8.08 -13.76 -3.65
CA LEU A 82 -8.33 -14.35 -2.34
C LEU A 82 -9.57 -15.24 -2.38
N ARG A 83 -10.62 -14.80 -3.07
CA ARG A 83 -11.84 -15.60 -3.18
C ARG A 83 -11.50 -16.97 -3.74
N GLN A 84 -10.86 -16.97 -4.91
CA GLN A 84 -10.43 -18.19 -5.59
C GLN A 84 -9.65 -19.08 -4.65
N VAL A 85 -8.75 -18.49 -3.89
CA VAL A 85 -7.95 -19.24 -2.92
C VAL A 85 -8.85 -19.99 -1.95
N PHE A 86 -9.97 -19.38 -1.56
CA PHE A 86 -10.85 -20.05 -0.63
C PHE A 86 -11.40 -21.31 -1.27
N GLN A 87 -11.86 -21.19 -2.51
CA GLN A 87 -12.42 -22.32 -3.25
C GLN A 87 -11.40 -23.47 -3.47
N ASP A 88 -10.18 -23.12 -3.87
CA ASP A 88 -9.12 -24.10 -4.10
C ASP A 88 -8.76 -24.84 -2.80
N ASN A 89 -9.30 -24.38 -1.67
CA ASN A 89 -8.97 -25.00 -0.40
C ASN A 89 -10.16 -25.66 0.28
N GLY A 90 -11.34 -25.51 -0.30
CA GLY A 90 -12.52 -26.12 0.28
C GLY A 90 -13.19 -25.29 1.35
N VAL A 91 -13.07 -23.98 1.21
CA VAL A 91 -13.66 -23.05 2.15
C VAL A 91 -14.93 -22.50 1.51
N ASP A 92 -16.07 -22.76 2.14
CA ASP A 92 -17.33 -22.26 1.63
C ASP A 92 -17.39 -20.72 1.58
N VAL A 93 -17.70 -20.16 0.42
CA VAL A 93 -17.76 -18.71 0.28
C VAL A 93 -19.17 -18.16 -0.01
N THR A 94 -20.18 -18.96 0.33
CA THR A 94 -21.56 -18.55 0.11
C THR A 94 -21.88 -17.22 0.77
N PHE A 95 -21.28 -16.98 1.93
CA PHE A 95 -21.53 -15.74 2.65
C PHE A 95 -20.43 -14.70 2.55
N LEU A 96 -19.54 -14.88 1.57
CA LEU A 96 -18.49 -13.90 1.34
C LEU A 96 -18.99 -13.03 0.19
N ARG A 97 -19.24 -11.75 0.44
CA ARG A 97 -19.72 -10.91 -0.65
C ARG A 97 -18.62 -9.98 -1.12
N LEU A 98 -18.63 -9.71 -2.42
CA LEU A 98 -17.65 -8.82 -3.03
C LEU A 98 -18.32 -7.54 -3.53
N ASP A 99 -18.01 -6.44 -2.87
CA ASP A 99 -18.57 -5.13 -3.20
C ASP A 99 -17.59 -4.34 -4.04
N ALA A 100 -18.01 -3.95 -5.24
CA ALA A 100 -17.15 -3.18 -6.14
C ALA A 100 -16.84 -1.77 -5.61
N ASP A 101 -17.73 -1.24 -4.79
CA ASP A 101 -17.49 0.10 -4.25
C ASP A 101 -16.42 0.05 -3.15
N LEU A 102 -15.82 -1.13 -2.97
CA LEU A 102 -14.80 -1.33 -1.95
C LEU A 102 -13.45 -1.81 -2.49
N THR A 103 -12.43 -1.76 -1.63
CA THR A 103 -11.08 -2.21 -1.96
C THR A 103 -10.55 -3.15 -0.87
N SER A 104 -10.12 -4.33 -1.29
CA SER A 104 -9.61 -5.36 -0.40
C SER A 104 -8.26 -5.00 0.17
N ALA A 105 -8.03 -5.33 1.43
CA ALA A 105 -6.76 -5.02 2.08
C ALA A 105 -5.53 -5.64 1.42
N VAL A 106 -4.42 -4.95 1.56
CA VAL A 106 -3.13 -5.39 1.03
C VAL A 106 -2.11 -4.81 2.02
N LEU A 107 -1.29 -5.65 2.61
CA LEU A 107 -0.32 -5.14 3.54
C LEU A 107 1.03 -5.62 3.06
N ILE A 108 2.10 -5.17 3.72
CA ILE A 108 3.44 -5.57 3.33
C ILE A 108 4.24 -6.02 4.56
N VAL A 109 4.63 -7.29 4.56
CA VAL A 109 5.39 -7.84 5.67
C VAL A 109 6.79 -7.27 5.59
N ASN A 110 7.19 -6.50 6.60
CA ASN A 110 8.51 -5.89 6.62
C ASN A 110 9.10 -5.89 8.02
N SER A 118 5.22 -6.79 12.51
CA SER A 118 5.97 -6.06 11.49
C SER A 118 5.09 -5.93 10.24
N PHE A 119 3.96 -5.24 10.40
CA PHE A 119 3.04 -5.06 9.29
C PHE A 119 2.81 -3.59 8.94
N THR A 120 2.59 -3.34 7.66
CA THR A 120 2.32 -2.01 7.17
C THR A 120 1.11 -2.18 6.27
N TYR A 121 -0.04 -1.75 6.78
CA TYR A 121 -1.31 -1.83 6.07
C TYR A 121 -1.39 -0.68 5.06
N LEU A 122 -1.94 -0.93 3.89
CA LEU A 122 -2.04 0.10 2.85
C LEU A 122 -3.44 0.69 2.59
N VAL A 123 -4.46 -0.16 2.66
CA VAL A 123 -5.85 0.24 2.41
C VAL A 123 -6.49 0.77 3.70
N HIS A 124 -6.96 2.02 3.69
CA HIS A 124 -7.52 2.65 4.89
C HIS A 124 -8.75 1.98 5.51
N PRO A 125 -9.96 2.21 4.98
CA PRO A 125 -11.05 1.52 5.66
C PRO A 125 -10.97 -0.01 5.62
N GLY A 126 -10.47 -0.58 4.53
CA GLY A 126 -10.37 -2.04 4.46
C GLY A 126 -11.70 -2.74 4.28
N ALA A 127 -11.95 -3.27 3.09
CA ALA A 127 -13.22 -3.94 2.78
C ALA A 127 -13.74 -4.89 3.84
N ASP A 128 -12.84 -5.59 4.52
CA ASP A 128 -13.22 -6.54 5.55
C ASP A 128 -14.04 -5.91 6.67
N THR A 129 -13.90 -4.60 6.83
CA THR A 129 -14.62 -3.89 7.89
C THR A 129 -16.08 -3.57 7.54
N TYR A 130 -16.50 -3.91 6.33
CA TYR A 130 -17.88 -3.62 5.92
C TYR A 130 -18.90 -4.71 6.15
N VAL A 131 -18.43 -5.87 6.60
CA VAL A 131 -19.32 -6.99 6.84
C VAL A 131 -20.32 -6.49 7.90
N SER A 132 -21.56 -6.97 7.87
CA SER A 132 -22.54 -6.53 8.85
C SER A 132 -23.53 -7.63 9.20
N PRO A 133 -24.29 -7.46 10.29
CA PRO A 133 -25.27 -8.47 10.71
C PRO A 133 -26.15 -9.13 9.64
N GLN A 134 -26.37 -8.44 8.52
CA GLN A 134 -27.20 -9.02 7.46
C GLN A 134 -26.48 -10.18 6.77
N ASP A 135 -25.16 -10.10 6.78
CA ASP A 135 -24.28 -11.08 6.16
C ASP A 135 -24.11 -12.37 6.95
N LEU A 136 -24.67 -12.42 8.15
CA LEU A 136 -24.59 -13.58 9.02
C LEU A 136 -25.45 -14.73 8.52
N PRO A 137 -24.93 -15.96 8.58
CA PRO A 137 -25.67 -17.15 8.14
C PRO A 137 -26.46 -17.75 9.30
N PRO A 138 -27.57 -18.44 9.00
CA PRO A 138 -28.32 -19.04 10.11
C PRO A 138 -27.35 -20.00 10.80
N PHE A 139 -27.33 -20.01 12.12
CA PHE A 139 -26.43 -20.90 12.84
C PHE A 139 -27.10 -22.17 13.32
N ARG A 140 -26.28 -23.19 13.59
CA ARG A 140 -26.75 -24.50 14.03
C ARG A 140 -26.09 -24.97 15.34
N GLN A 141 -26.78 -25.86 16.05
CA GLN A 141 -26.28 -26.38 17.31
C GLN A 141 -24.94 -27.07 17.09
N TYR A 142 -24.04 -26.88 18.06
CA TYR A 142 -22.69 -27.45 18.09
C TYR A 142 -21.67 -26.90 17.11
N GLU A 143 -22.06 -25.93 16.30
CA GLU A 143 -21.13 -25.34 15.35
C GLU A 143 -20.23 -24.31 16.07
N TRP A 144 -19.15 -23.92 15.43
CA TRP A 144 -18.22 -22.94 16.01
C TRP A 144 -18.16 -21.62 15.25
N PHE A 145 -18.07 -20.53 16.00
CA PHE A 145 -17.97 -19.18 15.46
C PHE A 145 -16.61 -18.64 15.93
N TYR A 146 -15.82 -18.10 15.00
CA TYR A 146 -14.51 -17.55 15.33
C TYR A 146 -14.42 -16.09 14.94
N PHE A 147 -13.72 -15.31 15.78
CA PHE A 147 -13.51 -13.89 15.50
C PHE A 147 -12.44 -13.33 16.42
N SER A 148 -11.83 -12.22 16.01
CA SER A 148 -10.80 -11.60 16.81
C SER A 148 -11.02 -10.11 16.89
N SER A 149 -10.15 -9.44 17.64
CA SER A 149 -10.22 -8.00 17.83
C SER A 149 -10.06 -7.27 16.50
N ILE A 150 -9.44 -7.92 15.53
CA ILE A 150 -9.27 -7.29 14.24
C ILE A 150 -10.66 -7.04 13.66
N GLY A 151 -11.58 -7.96 13.91
CA GLY A 151 -12.93 -7.80 13.42
C GLY A 151 -13.65 -6.68 14.17
N LEU A 152 -13.08 -6.33 15.32
CA LEU A 152 -13.61 -5.31 16.21
C LEU A 152 -13.16 -3.87 15.96
N THR A 153 -12.08 -3.66 15.17
CA THR A 153 -11.63 -2.30 14.92
C THR A 153 -12.70 -1.35 14.37
N ASP A 154 -13.14 -1.55 13.13
CA ASP A 154 -14.11 -0.61 12.60
C ASP A 154 -15.56 -1.04 12.72
N ARG A 155 -16.41 -0.04 12.92
CA ARG A 155 -17.84 -0.20 13.15
C ARG A 155 -18.72 -1.27 12.48
N PRO A 156 -18.94 -1.19 11.15
CA PRO A 156 -19.80 -2.25 10.59
C PRO A 156 -19.45 -3.65 11.15
N ALA A 157 -18.27 -4.12 10.79
CA ALA A 157 -17.76 -5.41 11.22
C ALA A 157 -17.98 -5.67 12.70
N ARG A 158 -17.59 -4.69 13.54
CA ARG A 158 -17.73 -4.84 14.98
C ARG A 158 -19.10 -5.34 15.36
N GLU A 159 -20.14 -4.71 14.82
CA GLU A 159 -21.50 -5.13 15.10
C GLU A 159 -21.68 -6.57 14.62
N ALA A 160 -21.22 -6.84 13.39
CA ALA A 160 -21.33 -8.17 12.79
C ALA A 160 -20.73 -9.26 13.68
N CYS A 161 -19.56 -9.00 14.25
CA CYS A 161 -18.89 -9.97 15.10
C CYS A 161 -19.62 -10.29 16.39
N LEU A 162 -19.95 -9.24 17.14
CA LEU A 162 -20.63 -9.40 18.43
C LEU A 162 -22.03 -9.97 18.30
N GLU A 163 -22.72 -9.62 17.22
CA GLU A 163 -24.05 -10.16 16.98
C GLU A 163 -23.90 -11.63 16.59
N GLY A 164 -22.91 -11.89 15.73
CA GLY A 164 -22.62 -13.24 15.28
C GLY A 164 -22.37 -14.16 16.46
N ALA A 165 -21.55 -13.72 17.40
CA ALA A 165 -21.26 -14.51 18.60
C ALA A 165 -22.56 -14.71 19.40
N ARG A 166 -23.32 -13.64 19.56
CA ARG A 166 -24.57 -13.70 20.29
C ARG A 166 -25.50 -14.78 19.69
N ARG A 167 -25.67 -14.76 18.38
CA ARG A 167 -26.53 -15.76 17.73
C ARG A 167 -25.99 -17.18 17.84
N ARG A 169 -24.29 -18.47 20.17
CA ARG A 169 -24.53 -19.00 21.51
C ARG A 169 -26.01 -19.32 21.71
N GLU A 170 -26.88 -18.48 21.17
CA GLU A 170 -28.30 -18.70 21.27
C GLU A 170 -28.68 -19.97 20.50
N ALA A 171 -27.95 -20.27 19.42
CA ALA A 171 -28.24 -21.45 18.62
C ALA A 171 -27.68 -22.70 19.25
N GLY A 172 -27.07 -22.55 20.43
CA GLY A 172 -26.52 -23.70 21.10
C GLY A 172 -25.12 -24.02 20.62
N GLY A 173 -24.46 -23.02 20.03
CA GLY A 173 -23.12 -23.22 19.51
C GLY A 173 -22.00 -22.63 20.35
N TYR A 174 -20.78 -22.84 19.90
CA TYR A 174 -19.58 -22.36 20.58
C TYR A 174 -18.91 -21.21 19.86
N VAL A 175 -18.35 -20.27 20.62
CA VAL A 175 -17.64 -19.10 20.09
C VAL A 175 -16.16 -19.16 20.50
N LEU A 176 -15.26 -18.90 19.56
CA LEU A 176 -13.83 -18.90 19.88
C LEU A 176 -13.25 -17.52 19.65
N PHE A 177 -12.96 -16.80 20.73
CA PHE A 177 -12.41 -15.47 20.58
C PHE A 177 -10.90 -15.46 20.69
N ASP A 178 -10.26 -14.98 19.63
CA ASP A 178 -8.82 -14.87 19.59
C ASP A 178 -8.55 -13.39 19.77
N VAL A 179 -8.02 -13.01 20.93
CA VAL A 179 -7.73 -11.61 21.19
C VAL A 179 -6.44 -11.23 20.50
N ASN A 180 -6.47 -11.31 19.17
CA ASN A 180 -5.33 -11.01 18.32
C ASN A 180 -5.11 -9.50 18.33
N LEU A 181 -4.61 -8.99 19.45
CA LEU A 181 -4.42 -7.54 19.63
C LEU A 181 -3.51 -6.83 18.62
N ARG A 182 -4.08 -5.84 17.92
CA ARG A 182 -3.38 -5.05 16.90
C ARG A 182 -3.38 -3.54 17.22
N SER A 183 -2.85 -3.16 18.38
CA SER A 183 -2.81 -1.76 18.83
C SER A 183 -2.71 -0.68 17.73
N LYS A 184 -1.67 -0.77 16.90
CA LYS A 184 -1.46 0.20 15.82
C LYS A 184 -2.57 0.34 14.78
N TRP A 186 -5.86 0.44 15.55
CA TRP A 186 -6.98 1.16 16.14
C TRP A 186 -6.97 2.69 16.12
N GLY A 187 -8.17 3.28 16.04
CA GLY A 187 -8.30 4.72 16.05
C GLY A 187 -8.09 5.22 17.48
N ASN A 188 -8.99 4.86 18.38
CA ASN A 188 -8.88 5.26 19.78
C ASN A 188 -8.71 4.01 20.63
N THR A 189 -7.46 3.66 20.90
CA THR A 189 -7.12 2.50 21.71
C THR A 189 -7.96 2.43 23.03
N ASP A 190 -8.77 3.47 23.26
CA ASP A 190 -9.62 3.56 24.45
C ASP A 190 -10.96 2.85 24.28
N GLU A 191 -11.00 1.83 23.43
CA GLU A 191 -12.20 1.02 23.17
C GLU A 191 -11.84 -0.46 23.32
N ILE A 192 -10.56 -0.75 23.14
CA ILE A 192 -10.05 -2.11 23.22
C ILE A 192 -10.32 -2.88 24.51
N PRO A 193 -9.93 -2.33 25.67
CA PRO A 193 -10.15 -3.02 26.95
C PRO A 193 -11.62 -3.41 27.15
N GLU A 194 -12.50 -2.55 26.68
CA GLU A 194 -13.93 -2.73 26.78
C GLU A 194 -14.49 -3.79 25.82
N LEU A 195 -14.10 -3.71 24.54
CA LEU A 195 -14.57 -4.69 23.55
C LEU A 195 -13.96 -6.08 23.81
N ILE A 196 -12.80 -6.12 24.47
CA ILE A 196 -12.17 -7.38 24.80
C ILE A 196 -13.00 -8.09 25.86
N ALA A 197 -13.44 -7.32 26.86
CA ALA A 197 -14.23 -7.88 27.94
C ALA A 197 -15.59 -8.40 27.45
N ARG A 198 -16.25 -7.68 26.53
CA ARG A 198 -17.54 -8.13 26.02
C ARG A 198 -17.42 -9.36 25.07
N SER A 199 -16.20 -9.68 24.64
CA SER A 199 -15.98 -10.84 23.80
C SER A 199 -15.70 -12.08 24.65
N ALA A 200 -14.91 -11.91 25.71
CA ALA A 200 -14.60 -13.03 26.61
C ALA A 200 -15.93 -13.43 27.24
N ALA A 201 -16.84 -12.46 27.33
CA ALA A 201 -18.18 -12.68 27.88
C ALA A 201 -18.90 -13.71 27.01
N LEU A 202 -19.04 -13.37 25.74
CA LEU A 202 -19.70 -14.24 24.77
C LEU A 202 -18.87 -15.50 24.44
N ALA A 203 -17.55 -15.38 24.51
CA ALA A 203 -16.64 -16.46 24.19
C ALA A 203 -16.72 -17.73 25.01
N SER A 204 -16.71 -18.87 24.30
CA SER A 204 -16.73 -20.16 24.96
C SER A 204 -15.27 -20.42 25.33
N ILE A 205 -14.39 -20.10 24.41
CA ILE A 205 -12.96 -20.28 24.64
C ILE A 205 -12.25 -19.04 24.15
N CYS A 206 -11.32 -18.55 24.95
CA CYS A 206 -10.55 -17.37 24.57
C CYS A 206 -9.12 -17.77 24.34
N LYS A 207 -8.54 -17.33 23.25
CA LYS A 207 -7.15 -17.63 22.98
C LYS A 207 -6.39 -16.31 22.96
N VAL A 208 -5.24 -16.29 23.63
CA VAL A 208 -4.39 -15.10 23.73
C VAL A 208 -2.88 -15.46 23.70
N SER A 209 -2.04 -14.46 23.48
CA SER A 209 -0.60 -14.70 23.45
C SER A 209 0.03 -14.13 24.73
N ALA A 210 1.21 -14.61 25.08
CA ALA A 210 1.93 -14.15 26.25
C ALA A 210 2.03 -12.64 26.25
N ASP A 211 2.50 -12.11 25.11
CA ASP A 211 2.68 -10.67 24.91
C ASP A 211 1.40 -9.89 25.13
N GLU A 212 0.38 -10.24 24.36
CA GLU A 212 -0.91 -9.57 24.42
C GLU A 212 -1.50 -9.47 25.84
N LEU A 213 -1.21 -10.47 26.68
CA LEU A 213 -1.69 -10.41 28.05
C LEU A 213 -0.98 -9.24 28.71
N CYS A 214 0.34 -9.27 28.70
CA CYS A 214 1.15 -8.20 29.29
C CYS A 214 0.66 -6.85 28.75
N GLN A 215 0.58 -6.76 27.42
CA GLN A 215 0.14 -5.55 26.75
C GLN A 215 -1.29 -5.11 27.11
N LEU A 216 -2.03 -5.97 27.80
CA LEU A 216 -3.41 -5.64 28.19
C LEU A 216 -3.50 -5.32 29.70
N SER A 217 -2.99 -6.24 30.52
CA SER A 217 -2.97 -6.11 31.98
C SER A 217 -2.09 -4.98 32.43
N GLY A 218 -1.25 -4.50 31.51
CA GLY A 218 -0.32 -3.44 31.86
C GLY A 218 0.85 -4.06 32.61
N ALA A 219 0.75 -5.37 32.87
CA ALA A 219 1.78 -6.11 33.59
C ALA A 219 2.96 -6.49 32.73
N SER A 220 4.13 -6.60 33.35
CA SER A 220 5.36 -6.95 32.66
C SER A 220 5.58 -8.47 32.59
N HIS A 221 4.92 -9.19 33.48
CA HIS A 221 5.03 -10.65 33.50
C HIS A 221 3.64 -11.26 33.29
N TRP A 222 3.38 -11.71 32.08
CA TRP A 222 2.09 -12.30 31.73
C TRP A 222 1.51 -13.17 32.83
N GLN A 223 2.36 -14.02 33.41
CA GLN A 223 1.95 -14.91 34.46
C GLN A 223 1.32 -14.14 35.62
N ASP A 224 1.74 -12.88 35.81
CA ASP A 224 1.20 -12.04 36.90
C ASP A 224 -0.24 -11.64 36.56
N ALA A 225 -0.66 -11.95 35.33
CA ALA A 225 -2.00 -11.62 34.87
C ALA A 225 -2.50 -12.57 33.79
N ARG A 226 -2.47 -13.87 34.09
CA ARG A 226 -2.91 -14.87 33.13
C ARG A 226 -4.36 -15.32 33.38
N TYR A 227 -4.96 -14.82 34.44
CA TYR A 227 -6.35 -15.13 34.73
C TYR A 227 -7.05 -13.86 34.29
N TYR A 228 -6.34 -13.06 33.49
CA TYR A 228 -6.86 -11.79 32.99
C TYR A 228 -8.17 -11.93 32.22
N LEU A 229 -8.18 -12.83 31.24
CA LEU A 229 -9.37 -13.05 30.44
C LEU A 229 -10.42 -13.78 31.26
N ARG A 230 -10.00 -14.77 32.02
CA ARG A 230 -10.95 -15.54 32.84
C ARG A 230 -11.78 -14.62 33.74
N ASP A 231 -11.10 -13.65 34.36
CA ASP A 231 -11.78 -12.73 35.25
C ASP A 231 -12.62 -11.75 34.45
N LEU A 232 -12.56 -11.86 33.13
CA LEU A 232 -13.33 -10.99 32.27
C LEU A 232 -14.58 -11.68 31.77
N GLY A 233 -14.75 -12.94 32.15
CA GLY A 233 -15.94 -13.67 31.76
C GLY A 233 -15.76 -14.99 31.04
N CYS A 234 -14.53 -15.35 30.70
CA CYS A 234 -14.26 -16.60 29.99
C CYS A 234 -13.62 -17.65 30.90
N ASP A 235 -14.24 -18.82 30.97
CA ASP A 235 -13.77 -19.91 31.82
C ASP A 235 -12.64 -20.77 31.22
N THR A 236 -12.39 -20.64 29.92
CA THR A 236 -11.33 -21.41 29.29
C THR A 236 -10.39 -20.49 28.53
N THR A 237 -9.10 -20.63 28.83
CA THR A 237 -8.09 -19.78 28.20
C THR A 237 -6.96 -20.61 27.65
N ILE A 238 -6.55 -20.28 26.45
CA ILE A 238 -5.44 -20.98 25.85
C ILE A 238 -4.44 -19.88 25.55
N ILE A 239 -3.37 -19.85 26.34
CA ILE A 239 -2.29 -18.85 26.19
C ILE A 239 -1.13 -19.47 25.42
N SER A 240 -0.78 -18.89 24.28
CA SER A 240 0.32 -19.41 23.46
C SER A 240 1.68 -18.90 23.98
N LEU A 241 2.76 -19.60 23.63
CA LEU A 241 4.07 -19.17 24.13
C LEU A 241 5.25 -19.33 23.16
N GLY A 242 4.98 -19.26 21.86
CA GLY A 242 6.04 -19.39 20.86
C GLY A 242 6.50 -20.81 20.62
N ALA A 243 7.78 -21.00 20.38
CA ALA A 243 8.32 -22.35 20.16
C ALA A 243 8.28 -23.10 21.48
N ASP A 244 7.73 -22.45 22.50
CA ASP A 244 7.60 -23.02 23.83
C ASP A 244 6.31 -23.80 24.01
N GLY A 245 5.28 -23.45 23.25
CA GLY A 245 4.03 -24.16 23.34
C GLY A 245 2.83 -23.34 23.81
N ALA A 246 1.99 -23.96 24.64
CA ALA A 246 0.80 -23.28 25.14
C ALA A 246 0.43 -23.70 26.55
N LEU A 247 -0.40 -22.87 27.17
CA LEU A 247 -0.85 -23.13 28.52
C LEU A 247 -2.37 -23.13 28.55
N LEU A 248 -2.94 -24.29 28.82
CA LEU A 248 -4.39 -24.46 28.93
C LEU A 248 -4.77 -24.08 30.36
N ILE A 249 -5.71 -23.15 30.51
CA ILE A 249 -6.14 -22.76 31.83
C ILE A 249 -7.65 -22.90 32.02
N THR A 250 -8.09 -24.03 32.56
CA THR A 250 -9.51 -24.23 32.83
C THR A 250 -9.80 -24.09 34.33
N ALA A 251 -10.05 -25.19 35.02
CA ALA A 251 -10.33 -25.14 36.46
C ALA A 251 -9.80 -26.38 37.17
N GLU A 252 -9.40 -27.37 36.39
CA GLU A 252 -8.83 -28.60 36.92
C GLU A 252 -7.38 -28.20 37.22
N GLY A 253 -6.96 -27.09 36.63
CA GLY A 253 -5.61 -26.58 36.81
C GLY A 253 -4.97 -26.11 35.51
N GLU A 254 -3.75 -25.60 35.58
CA GLU A 254 -3.00 -25.12 34.42
C GLU A 254 -2.23 -26.24 33.75
N PHE A 255 -2.52 -26.52 32.49
CA PHE A 255 -1.83 -27.58 31.76
C PHE A 255 -0.94 -27.01 30.66
N HIS A 256 0.29 -27.53 30.57
CA HIS A 256 1.24 -27.05 29.56
C HIS A 256 1.41 -28.03 28.39
N PHE A 257 1.73 -27.49 27.22
CA PHE A 257 1.97 -28.33 26.05
C PHE A 257 3.20 -27.82 25.27
N PRO A 258 4.11 -28.75 24.91
CA PRO A 258 5.34 -28.46 24.18
C PRO A 258 5.19 -28.23 22.67
N ALA A 259 5.96 -27.27 22.17
CA ALA A 259 5.97 -26.94 20.75
C ALA A 259 7.16 -27.62 20.07
N PRO A 260 6.90 -28.34 18.97
CA PRO A 260 7.94 -29.06 18.22
C PRO A 260 9.20 -28.23 17.99
N ARG A 261 10.28 -28.91 17.62
CA ARG A 261 11.56 -28.26 17.35
C ARG A 261 11.35 -27.33 16.16
N VAL A 262 11.40 -26.03 16.46
CA VAL A 262 11.21 -24.99 15.46
C VAL A 262 12.44 -24.82 14.56
N ASP A 263 12.24 -24.10 13.46
CA ASP A 263 13.28 -23.78 12.48
C ASP A 263 12.62 -22.78 11.53
N VAL A 264 12.42 -21.58 12.07
CA VAL A 264 11.78 -20.47 11.39
C VAL A 264 12.28 -20.14 9.98
N VAL A 265 11.40 -19.55 9.20
CA VAL A 265 11.69 -19.16 7.84
C VAL A 265 10.86 -17.90 7.60
N ASP A 266 9.75 -17.84 8.32
CA ASP A 266 8.81 -16.74 8.24
C ASP A 266 7.78 -16.94 9.36
N THR A 267 7.85 -16.12 10.40
CA THR A 267 6.91 -16.28 11.53
C THR A 267 5.48 -15.90 11.16
N THR A 268 5.29 -15.45 9.93
CA THR A 268 3.98 -15.02 9.47
C THR A 268 2.89 -16.10 9.55
N GLY A 269 1.92 -15.87 10.43
CA GLY A 269 0.81 -16.79 10.54
C GLY A 269 0.95 -17.98 11.47
N ALA A 270 1.87 -17.91 12.42
CA ALA A 270 1.99 -19.01 13.33
C ALA A 270 0.71 -19.03 14.15
N GLY A 271 0.31 -17.86 14.64
CA GLY A 271 -0.89 -17.73 15.45
C GLY A 271 -2.18 -18.19 14.79
N ASP A 272 -2.31 -17.93 13.51
CA ASP A 272 -3.51 -18.30 12.78
C ASP A 272 -3.54 -19.81 12.55
N ALA A 273 -2.37 -20.39 12.31
CA ALA A 273 -2.26 -21.83 12.09
C ALA A 273 -2.60 -22.55 13.38
N PHE A 274 -2.21 -21.95 14.50
CA PHE A 274 -2.47 -22.50 15.82
C PHE A 274 -3.96 -22.57 16.12
N VAL A 275 -4.66 -21.50 15.82
CA VAL A 275 -6.07 -21.44 16.09
C VAL A 275 -6.82 -22.27 15.07
N GLY A 276 -6.22 -22.43 13.90
CA GLY A 276 -6.85 -23.21 12.85
C GLY A 276 -6.95 -24.65 13.26
N GLY A 277 -5.81 -25.20 13.67
CA GLY A 277 -5.77 -26.58 14.12
C GLY A 277 -6.61 -26.77 15.36
N LEU A 278 -6.73 -25.71 16.16
CA LEU A 278 -7.51 -25.78 17.36
C LEU A 278 -9.00 -26.00 17.07
N LEU A 279 -9.54 -25.24 16.12
CA LEU A 279 -10.94 -25.36 15.75
C LEU A 279 -11.22 -26.66 15.00
N PHE A 280 -10.29 -27.07 14.14
CA PHE A 280 -10.49 -28.29 13.39
C PHE A 280 -10.82 -29.45 14.33
N THR A 281 -10.13 -29.47 15.47
CA THR A 281 -10.29 -30.50 16.49
C THR A 281 -11.60 -30.35 17.26
N LEU A 282 -11.76 -29.22 17.94
CA LEU A 282 -12.96 -28.94 18.71
C LEU A 282 -14.21 -29.26 17.88
N SER A 283 -14.14 -28.99 16.58
CA SER A 283 -15.27 -29.22 15.68
C SER A 283 -15.65 -30.67 15.46
N ARG A 284 -14.77 -31.61 15.83
CA ARG A 284 -15.10 -33.02 15.62
C ARG A 284 -16.18 -33.53 16.56
N ALA A 285 -16.28 -32.90 17.73
CA ALA A 285 -17.27 -33.30 18.73
C ALA A 285 -18.36 -32.24 18.92
N ASN A 286 -19.42 -32.62 19.62
CA ASN A 286 -20.53 -31.71 19.88
C ASN A 286 -20.25 -31.03 21.19
N CYS A 287 -19.66 -31.78 22.10
CA CYS A 287 -19.31 -31.26 23.39
C CYS A 287 -17.80 -31.35 23.50
N TRP A 288 -17.23 -30.68 24.48
CA TRP A 288 -15.80 -30.70 24.64
C TRP A 288 -15.36 -30.55 26.09
N ASP A 289 -14.28 -31.24 26.44
CA ASP A 289 -13.72 -31.19 27.79
C ASP A 289 -12.20 -31.17 27.68
N HIS A 290 -11.52 -31.18 28.84
CA HIS A 290 -10.06 -31.17 28.87
C HIS A 290 -9.52 -32.19 27.87
N ALA A 291 -10.12 -33.37 27.86
CA ALA A 291 -9.68 -34.39 26.91
C ALA A 291 -9.47 -33.75 25.54
N LEU A 292 -10.59 -33.48 24.86
CA LEU A 292 -10.58 -32.88 23.54
C LEU A 292 -9.76 -31.58 23.55
N LEU A 293 -9.84 -30.84 24.65
CA LEU A 293 -9.07 -29.61 24.73
C LEU A 293 -7.56 -29.87 24.64
N ALA A 294 -7.13 -31.06 25.01
CA ALA A 294 -5.72 -31.42 24.96
C ALA A 294 -5.30 -31.92 23.58
N GLU A 295 -6.20 -32.62 22.90
CA GLU A 295 -5.89 -33.10 21.56
C GLU A 295 -5.98 -31.88 20.66
N ALA A 296 -6.80 -30.94 21.09
CA ALA A 296 -6.97 -29.71 20.34
C ALA A 296 -5.69 -28.88 20.41
N ILE A 297 -5.19 -28.64 21.62
CA ILE A 297 -3.98 -27.84 21.77
C ILE A 297 -2.74 -28.51 21.17
N SER A 298 -2.76 -29.85 21.10
CA SER A 298 -1.63 -30.57 20.53
C SER A 298 -1.60 -30.27 19.04
N ASN A 299 -2.78 -30.23 18.43
CA ASN A 299 -2.88 -29.92 17.00
C ASN A 299 -2.45 -28.47 16.75
N ALA A 300 -2.77 -27.61 17.71
CA ALA A 300 -2.44 -26.20 17.63
C ALA A 300 -0.93 -26.04 17.58
N ASN A 301 -0.27 -26.45 18.66
CA ASN A 301 1.19 -26.35 18.73
C ASN A 301 1.85 -26.92 17.48
N ALA A 302 1.31 -28.04 17.00
CA ALA A 302 1.81 -28.69 15.80
C ALA A 302 1.66 -27.77 14.61
N CYS A 303 0.42 -27.47 14.23
CA CYS A 303 0.16 -26.59 13.10
C CYS A 303 0.83 -25.23 13.30
N GLY A 304 1.15 -24.90 14.55
CA GLY A 304 1.80 -23.64 14.82
C GLY A 304 3.28 -23.70 14.47
N ALA A 305 3.87 -24.89 14.59
CA ALA A 305 5.29 -25.05 14.27
C ALA A 305 5.55 -25.15 12.78
N ALA A 307 3.80 -24.28 9.94
CA ALA A 307 3.56 -23.05 9.19
C ALA A 307 4.74 -22.06 9.16
N VAL A 308 5.57 -22.09 10.19
CA VAL A 308 6.73 -21.21 10.28
C VAL A 308 7.85 -21.68 9.36
N THR A 309 7.74 -22.91 8.87
CA THR A 309 8.75 -23.48 7.99
C THR A 309 8.78 -22.88 6.59
N ALA A 310 7.62 -22.48 6.07
CA ALA A 310 7.55 -21.89 4.74
C ALA A 310 7.72 -20.37 4.78
N LYS A 311 7.38 -19.69 3.69
CA LYS A 311 7.55 -18.23 3.63
C LYS A 311 6.24 -17.46 3.45
N GLY A 312 5.13 -18.17 3.46
CA GLY A 312 3.85 -17.50 3.32
C GLY A 312 3.05 -17.74 4.58
N ALA A 313 2.08 -16.87 4.84
CA ALA A 313 1.24 -17.01 6.02
C ALA A 313 0.52 -18.35 5.99
N THR A 315 1.25 -20.86 3.45
CA THR A 315 1.94 -21.72 2.48
C THR A 315 2.16 -23.14 2.98
N ALA A 316 2.57 -23.27 4.23
CA ALA A 316 2.82 -24.60 4.78
C ALA A 316 1.74 -25.12 5.69
N LEU A 317 0.49 -24.69 5.44
CA LEU A 317 -0.64 -25.18 6.24
C LEU A 317 -0.86 -26.62 5.78
N PRO A 318 -0.57 -27.59 6.65
CA PRO A 318 -0.68 -29.03 6.43
C PRO A 318 -1.99 -29.65 5.97
N PHE A 319 -1.85 -30.76 5.26
CA PHE A 319 -3.00 -31.53 4.79
C PHE A 319 -3.06 -32.68 5.77
N PRO A 320 -4.17 -33.42 5.78
CA PRO A 320 -4.27 -34.55 6.71
C PRO A 320 -3.04 -35.45 6.68
N ASP A 321 -2.54 -35.73 5.46
CA ASP A 321 -1.39 -36.58 5.25
C ASP A 321 -0.02 -35.96 5.52
N GLN A 322 0.07 -34.64 5.56
CA GLN A 322 1.36 -33.98 5.82
C GLN A 322 1.52 -33.66 7.30
N LEU A 323 0.39 -33.68 8.03
CA LEU A 323 0.38 -33.39 9.46
C LEU A 323 0.99 -34.52 10.28
N ASN A 324 0.59 -35.74 9.96
CA ASN A 324 1.10 -36.91 10.68
C ASN A 324 2.58 -37.16 10.37
N THR A 325 2.99 -37.01 9.10
CA THR A 325 4.39 -37.20 8.71
C THR A 325 5.29 -36.26 9.52
N PHE A 326 4.76 -35.09 9.82
CA PHE A 326 5.49 -34.11 10.61
C PHE A 326 5.32 -34.43 12.10
N LEU A 327 4.13 -34.88 12.47
CA LEU A 327 3.87 -35.21 13.87
C LEU A 327 4.87 -36.26 14.34
N SER A 328 4.93 -37.35 13.61
CA SER A 328 5.85 -38.43 13.93
C SER A 328 6.93 -38.47 12.85
N ASN B 25 23.45 25.54 -11.61
CA ASN B 25 22.38 25.83 -10.61
C ASN B 25 21.52 24.60 -10.32
N LYS B 26 21.10 24.51 -9.06
CA LYS B 26 20.31 23.37 -8.60
C LYS B 26 18.85 23.36 -9.05
N VAL B 27 18.36 22.16 -9.32
CA VAL B 27 16.97 21.93 -9.73
C VAL B 27 16.20 21.28 -8.59
N TRP B 28 15.16 21.96 -8.12
CA TRP B 28 14.34 21.43 -7.05
C TRP B 28 13.03 20.89 -7.63
N VAL B 29 12.78 19.63 -7.34
CA VAL B 29 11.59 18.93 -7.81
C VAL B 29 10.78 18.62 -6.56
N ILE B 30 9.49 18.96 -6.57
CA ILE B 30 8.63 18.70 -5.42
C ILE B 30 7.41 17.93 -5.90
N GLY B 31 6.98 16.93 -5.14
CA GLY B 31 5.81 16.17 -5.55
C GLY B 31 5.75 14.68 -5.23
N ASP B 32 5.25 13.90 -6.19
CA ASP B 32 5.08 12.46 -6.01
C ASP B 32 6.31 11.56 -6.15
N ALA B 33 6.37 10.57 -5.24
CA ALA B 33 7.40 9.55 -5.16
C ALA B 33 6.66 8.31 -4.69
N SER B 34 6.47 7.34 -5.57
CA SER B 34 5.70 6.15 -5.23
C SER B 34 6.30 4.87 -5.78
N VAL B 35 5.98 3.76 -5.14
CA VAL B 35 6.49 2.48 -5.59
C VAL B 35 5.49 1.73 -6.46
N ASP B 36 5.85 1.56 -7.72
CA ASP B 36 5.01 0.86 -8.69
C ASP B 36 5.25 -0.65 -8.68
N LEU B 37 4.18 -1.40 -8.46
CA LEU B 37 4.27 -2.85 -8.45
C LEU B 37 3.94 -3.33 -9.85
N VAL B 38 4.85 -4.13 -10.42
CA VAL B 38 4.67 -4.69 -11.75
C VAL B 38 4.68 -6.22 -11.71
N PRO B 39 3.68 -6.85 -12.34
CA PRO B 39 3.59 -8.32 -12.37
C PRO B 39 4.94 -8.92 -12.78
N GLU B 40 5.14 -10.20 -12.50
CA GLU B 40 6.40 -10.85 -12.82
C GLU B 40 6.21 -12.36 -12.81
N LYS B 41 7.17 -13.07 -12.22
CA LYS B 41 7.15 -14.53 -12.16
C LYS B 41 5.79 -15.14 -11.86
N GLN B 42 5.70 -15.87 -10.76
CA GLN B 42 4.45 -16.52 -10.39
C GLN B 42 3.94 -15.97 -9.03
N ASN B 43 2.92 -15.12 -9.10
CA ASN B 43 2.35 -14.52 -7.90
C ASN B 43 3.41 -13.67 -7.18
N SER B 44 4.25 -12.99 -7.96
CA SER B 44 5.30 -12.15 -7.40
C SER B 44 5.35 -10.85 -8.19
N TYR B 45 5.41 -9.74 -7.46
CA TYR B 45 5.48 -8.41 -8.06
C TYR B 45 6.93 -7.92 -7.85
N LEU B 46 7.32 -6.90 -8.61
CA LEU B 46 8.66 -6.32 -8.48
C LEU B 46 8.52 -4.82 -8.28
N LYS B 47 9.31 -4.28 -7.36
CA LYS B 47 9.28 -2.86 -7.04
C LYS B 47 9.80 -2.03 -8.21
N CYS B 48 9.11 -0.96 -8.53
CA CYS B 48 9.53 -0.11 -9.62
C CYS B 48 9.52 1.32 -9.10
N PRO B 49 10.60 2.09 -9.36
CA PRO B 49 10.57 3.46 -8.85
C PRO B 49 9.66 4.31 -9.72
N GLY B 50 8.94 5.24 -9.11
CA GLY B 50 8.04 6.07 -9.87
C GLY B 50 7.69 7.41 -9.27
N GLY B 51 6.75 8.09 -9.92
CA GLY B 51 6.31 9.40 -9.47
C GLY B 51 6.81 10.47 -10.41
N ALA B 52 5.89 11.20 -11.04
CA ALA B 52 6.24 12.25 -11.97
C ALA B 52 7.40 13.13 -11.48
N SER B 53 7.35 13.57 -10.22
CA SER B 53 8.42 14.39 -9.68
C SER B 53 9.68 13.57 -9.43
N ALA B 54 9.50 12.30 -9.09
CA ALA B 54 10.63 11.41 -8.84
C ALA B 54 11.40 11.14 -10.13
N ASN B 55 10.66 10.70 -11.15
CA ASN B 55 11.23 10.41 -12.46
C ASN B 55 12.02 11.59 -13.01
N VAL B 56 11.46 12.79 -12.86
CA VAL B 56 12.12 13.98 -13.34
C VAL B 56 13.41 14.21 -12.55
N GLY B 57 13.33 14.11 -11.22
CA GLY B 57 14.51 14.33 -10.39
C GLY B 57 15.62 13.37 -10.75
N VAL B 58 15.25 12.11 -10.94
CA VAL B 58 16.20 11.07 -11.29
C VAL B 58 16.74 11.33 -12.68
N CYS B 59 15.90 11.89 -13.53
CA CYS B 59 16.30 12.19 -14.90
C CYS B 59 17.38 13.26 -14.91
N VAL B 60 17.10 14.37 -14.22
CA VAL B 60 18.02 15.48 -14.11
C VAL B 60 19.33 15.04 -13.46
N ALA B 61 19.21 14.18 -12.45
CA ALA B 61 20.37 13.67 -11.73
C ALA B 61 21.30 12.88 -12.64
N ARG B 62 20.74 11.80 -13.20
CA ARG B 62 21.46 10.90 -14.09
C ARG B 62 22.26 11.64 -15.15
N LEU B 63 21.67 12.68 -15.74
CA LEU B 63 22.36 13.44 -16.78
C LEU B 63 23.44 14.34 -16.21
N GLY B 64 23.85 14.05 -14.98
CA GLY B 64 24.91 14.82 -14.35
C GLY B 64 24.56 16.26 -14.02
N GLY B 65 23.36 16.46 -13.48
CA GLY B 65 22.93 17.80 -13.07
C GLY B 65 22.77 17.74 -11.58
N GLU B 66 22.57 18.88 -10.92
CA GLU B 66 22.39 18.90 -9.47
C GLU B 66 20.90 19.01 -9.14
N CYS B 67 20.35 17.95 -8.56
CA CYS B 67 18.93 17.91 -8.22
C CYS B 67 18.58 17.54 -6.78
N GLY B 68 17.50 18.15 -6.26
CA GLY B 68 17.04 17.87 -4.91
C GLY B 68 15.54 17.58 -4.87
N PHE B 69 15.16 16.52 -4.16
CA PHE B 69 13.76 16.14 -4.03
C PHE B 69 13.14 16.68 -2.75
N ILE B 70 12.00 17.35 -2.86
CA ILE B 70 11.31 17.88 -1.68
C ILE B 70 9.99 17.10 -1.61
N GLY B 71 9.78 16.37 -0.52
CA GLY B 71 8.54 15.61 -0.39
C GLY B 71 8.38 14.79 0.87
N CYS B 72 7.40 13.90 0.84
CA CYS B 72 7.11 12.99 1.95
C CYS B 72 6.91 11.59 1.47
N LEU B 73 7.19 10.66 2.37
CA LEU B 73 7.04 9.24 2.12
C LEU B 73 6.96 8.59 3.49
N GLY B 74 6.31 7.44 3.57
CA GLY B 74 6.23 6.76 4.84
C GLY B 74 7.59 6.15 5.15
N ASP B 75 7.83 5.84 6.42
CA ASP B 75 9.09 5.23 6.84
C ASP B 75 8.90 3.72 6.72
N ASP B 76 7.99 3.34 5.84
CA ASP B 76 7.68 1.95 5.58
C ASP B 76 8.74 1.46 4.61
N ASP B 77 8.63 0.19 4.21
CA ASP B 77 9.60 -0.39 3.30
C ASP B 77 9.75 0.53 2.10
N ALA B 78 8.65 0.75 1.38
CA ALA B 78 8.66 1.61 0.21
C ALA B 78 9.38 2.92 0.48
N GLY B 79 8.80 3.72 1.37
CA GLY B 79 9.40 5.00 1.72
C GLY B 79 10.91 4.97 1.75
N ARG B 80 11.47 3.97 2.44
CA ARG B 80 12.92 3.85 2.54
C ARG B 80 13.51 3.32 1.23
N PHE B 81 12.75 2.50 0.52
CA PHE B 81 13.23 1.96 -0.76
C PHE B 81 13.46 3.08 -1.74
N LEU B 82 12.47 3.96 -1.86
CA LEU B 82 12.55 5.10 -2.77
C LEU B 82 13.72 6.02 -2.43
N ARG B 83 13.94 6.26 -1.15
CA ARG B 83 15.04 7.12 -0.72
C ARG B 83 16.33 6.55 -1.28
N GLN B 84 16.43 5.23 -1.27
CA GLN B 84 17.63 4.56 -1.77
C GLN B 84 17.84 4.86 -3.25
N VAL B 85 16.80 4.68 -4.05
CA VAL B 85 16.88 4.93 -5.48
C VAL B 85 17.34 6.34 -5.73
N PHE B 86 16.89 7.28 -4.90
CA PHE B 86 17.30 8.65 -5.11
C PHE B 86 18.80 8.79 -4.89
N GLN B 87 19.31 8.15 -3.83
CA GLN B 87 20.73 8.20 -3.52
C GLN B 87 21.61 7.53 -4.58
N ASP B 88 21.17 6.36 -5.05
CA ASP B 88 21.92 5.63 -6.09
C ASP B 88 21.96 6.40 -7.41
N ASN B 89 21.23 7.52 -7.47
CA ASN B 89 21.20 8.30 -8.68
C ASN B 89 21.74 9.71 -8.52
N GLY B 90 22.12 10.08 -7.31
CA GLY B 90 22.68 11.40 -7.09
C GLY B 90 21.65 12.49 -6.86
N VAL B 91 20.52 12.11 -6.29
CA VAL B 91 19.46 13.05 -6.01
C VAL B 91 19.50 13.37 -4.53
N ASP B 92 19.70 14.64 -4.19
CA ASP B 92 19.76 15.06 -2.80
C ASP B 92 18.42 14.84 -2.08
N VAL B 93 18.46 14.12 -0.96
CA VAL B 93 17.24 13.83 -0.21
C VAL B 93 17.18 14.49 1.17
N THR B 94 17.97 15.54 1.36
CA THR B 94 17.99 16.25 2.61
C THR B 94 16.61 16.76 3.02
N PHE B 95 15.80 17.10 2.03
CA PHE B 95 14.48 17.62 2.33
C PHE B 95 13.33 16.65 2.07
N LEU B 96 13.70 15.38 1.93
CA LEU B 96 12.75 14.29 1.73
C LEU B 96 12.47 13.78 3.14
N ARG B 97 11.29 14.10 3.65
CA ARG B 97 10.89 13.72 4.99
C ARG B 97 10.13 12.39 5.09
N LEU B 98 10.66 11.48 5.90
CA LEU B 98 10.07 10.15 6.11
C LEU B 98 9.33 10.10 7.44
N ASP B 99 8.00 10.10 7.37
CA ASP B 99 7.13 10.08 8.54
C ASP B 99 6.83 8.64 8.97
N ALA B 100 6.20 8.48 10.12
CA ALA B 100 5.88 7.15 10.61
C ALA B 100 4.37 6.93 10.60
N ASP B 101 3.64 8.02 10.85
CA ASP B 101 2.19 7.98 10.87
C ASP B 101 1.61 8.03 9.47
N LEU B 102 2.49 8.10 8.47
CA LEU B 102 2.05 8.18 7.08
C LEU B 102 2.32 6.87 6.36
N THR B 103 1.89 6.77 5.12
CA THR B 103 2.13 5.54 4.38
C THR B 103 2.41 5.87 2.92
N SER B 104 3.63 5.54 2.48
CA SER B 104 4.05 5.79 1.11
C SER B 104 3.08 5.12 0.16
N ALA B 105 2.81 5.78 -0.95
CA ALA B 105 1.90 5.23 -1.94
C ALA B 105 2.47 3.95 -2.54
N VAL B 106 1.60 3.16 -3.13
CA VAL B 106 1.96 1.90 -3.77
C VAL B 106 0.85 1.60 -4.78
N LEU B 107 1.23 1.38 -6.04
CA LEU B 107 0.25 1.08 -7.07
C LEU B 107 0.53 -0.29 -7.68
N ILE B 108 -0.52 -0.97 -8.12
CA ILE B 108 -0.41 -2.28 -8.76
C ILE B 108 -1.01 -2.15 -10.16
N VAL B 109 -0.23 -2.48 -11.19
CA VAL B 109 -0.70 -2.38 -12.57
C VAL B 109 -0.88 -3.78 -13.18
N ASN B 110 -1.18 -3.83 -14.48
CA ASN B 110 -1.35 -5.11 -15.17
C ASN B 110 -1.49 -4.92 -16.67
N PHE B 119 -3.99 0.81 -13.79
CA PHE B 119 -3.17 1.24 -12.67
C PHE B 119 -4.02 1.52 -11.42
N THR B 120 -4.47 0.45 -10.76
CA THR B 120 -5.29 0.57 -9.55
C THR B 120 -4.47 1.00 -8.33
N TYR B 121 -4.96 2.03 -7.63
CA TYR B 121 -4.29 2.57 -6.45
C TYR B 121 -4.69 1.83 -5.17
N LEU B 122 -4.05 2.17 -4.05
CA LEU B 122 -4.35 1.51 -2.78
C LEU B 122 -4.35 2.44 -1.57
N VAL B 123 -3.33 3.30 -1.48
CA VAL B 123 -3.20 4.24 -0.36
C VAL B 123 -3.86 5.57 -0.73
N HIS B 124 -4.95 5.93 -0.07
CA HIS B 124 -5.58 7.18 -0.48
C HIS B 124 -5.15 8.41 0.31
N PRO B 125 -4.75 8.22 1.57
CA PRO B 125 -4.35 9.47 2.21
C PRO B 125 -3.17 9.95 1.35
N GLY B 126 -2.17 9.08 1.19
CA GLY B 126 -1.00 9.38 0.38
C GLY B 126 0.08 10.18 1.11
N ALA B 127 1.14 9.52 1.55
CA ALA B 127 2.20 10.21 2.28
C ALA B 127 2.80 11.40 1.55
N ASP B 128 3.17 11.20 0.29
CA ASP B 128 3.76 12.26 -0.51
C ASP B 128 2.85 13.48 -0.51
N THR B 129 1.59 13.25 -0.15
CA THR B 129 0.61 14.32 -0.11
C THR B 129 0.73 15.22 1.13
N TYR B 130 1.47 14.77 2.15
CA TYR B 130 1.65 15.54 3.38
C TYR B 130 2.78 16.54 3.39
N VAL B 131 3.49 16.68 2.28
CA VAL B 131 4.57 17.64 2.21
C VAL B 131 3.97 19.05 2.38
N SER B 132 4.60 19.85 3.23
CA SER B 132 4.10 21.19 3.51
C SER B 132 5.16 22.26 3.35
N PRO B 133 4.77 23.53 3.43
CA PRO B 133 5.68 24.66 3.31
C PRO B 133 6.91 24.65 4.23
N GLN B 134 6.81 24.00 5.39
CA GLN B 134 7.96 23.96 6.31
C GLN B 134 8.95 22.84 5.99
N ASP B 135 8.74 22.18 4.86
CA ASP B 135 9.61 21.11 4.40
C ASP B 135 10.39 21.65 3.22
N LEU B 136 10.13 22.92 2.89
CA LEU B 136 10.80 23.58 1.79
C LEU B 136 12.18 24.05 2.23
N PRO B 137 13.19 23.97 1.33
CA PRO B 137 14.52 24.42 1.72
C PRO B 137 14.69 25.89 1.34
N PRO B 138 15.90 26.43 1.49
CA PRO B 138 16.14 27.83 1.13
C PRO B 138 16.49 27.88 -0.35
N PHE B 139 15.87 28.78 -1.08
CA PHE B 139 16.16 28.90 -2.51
C PHE B 139 17.20 29.98 -2.73
N ARG B 140 17.90 29.89 -3.86
CA ARG B 140 18.91 30.87 -4.18
C ARG B 140 18.91 31.22 -5.66
N GLN B 141 19.11 32.50 -5.93
CA GLN B 141 19.14 33.06 -7.27
C GLN B 141 19.60 32.08 -8.36
N TYR B 142 18.85 32.09 -9.46
CA TYR B 142 19.09 31.28 -10.65
C TYR B 142 18.74 29.79 -10.51
N GLU B 143 18.06 29.43 -9.44
CA GLU B 143 17.68 28.03 -9.23
C GLU B 143 16.32 27.70 -9.85
N TRP B 144 16.10 26.43 -10.16
CA TRP B 144 14.81 26.02 -10.74
C TRP B 144 13.93 25.24 -9.76
N PHE B 145 12.64 25.56 -9.79
CA PHE B 145 11.64 24.89 -8.98
C PHE B 145 10.67 24.22 -9.95
N TYR B 146 10.41 22.94 -9.76
CA TYR B 146 9.50 22.20 -10.62
C TYR B 146 8.32 21.63 -9.85
N PHE B 147 7.16 21.62 -10.50
CA PHE B 147 5.96 21.05 -9.89
C PHE B 147 4.84 20.91 -10.92
N SER B 148 3.89 20.02 -10.66
CA SER B 148 2.78 19.78 -11.56
C SER B 148 1.47 19.81 -10.82
N SER B 149 0.38 19.64 -11.56
CA SER B 149 -0.94 19.63 -10.96
C SER B 149 -1.11 18.44 -10.02
N ILE B 150 -0.27 17.42 -10.18
CA ILE B 150 -0.36 16.27 -9.32
C ILE B 150 -0.06 16.74 -7.91
N GLY B 151 0.88 17.66 -7.77
CA GLY B 151 1.22 18.19 -6.46
C GLY B 151 0.14 19.12 -5.95
N LEU B 152 -0.69 19.61 -6.86
CA LEU B 152 -1.77 20.55 -6.52
C LEU B 152 -3.13 19.97 -6.12
N THR B 153 -3.27 18.65 -6.16
CA THR B 153 -4.54 18.02 -5.86
C THR B 153 -4.98 17.85 -4.40
N ASP B 154 -4.05 17.56 -3.51
CA ASP B 154 -4.41 17.38 -2.11
C ASP B 154 -3.87 18.57 -1.35
N ARG B 155 -4.41 18.83 -0.16
CA ARG B 155 -4.03 20.02 0.60
C ARG B 155 -2.64 20.43 1.04
N PRO B 156 -2.02 19.72 1.99
CA PRO B 156 -0.69 20.24 2.32
C PRO B 156 0.21 20.37 1.09
N ALA B 157 0.19 19.35 0.24
CA ALA B 157 0.99 19.38 -0.98
C ALA B 157 0.69 20.65 -1.81
N ARG B 158 -0.60 20.97 -1.95
CA ARG B 158 -1.01 22.15 -2.72
C ARG B 158 -0.41 23.45 -2.19
N GLU B 159 -0.47 23.66 -0.88
CA GLU B 159 0.09 24.86 -0.27
C GLU B 159 1.59 24.82 -0.51
N ALA B 160 2.20 23.67 -0.22
CA ALA B 160 3.64 23.53 -0.39
C ALA B 160 4.12 23.95 -1.78
N CYS B 161 3.39 23.52 -2.81
CA CYS B 161 3.73 23.82 -4.20
C CYS B 161 3.63 25.31 -4.56
N LEU B 162 2.49 25.92 -4.26
CA LEU B 162 2.28 27.33 -4.58
C LEU B 162 3.20 28.23 -3.77
N GLU B 163 3.47 27.88 -2.52
CA GLU B 163 4.37 28.68 -1.68
C GLU B 163 5.80 28.52 -2.22
N GLY B 164 6.16 27.28 -2.55
CA GLY B 164 7.47 26.99 -3.11
C GLY B 164 7.75 27.80 -4.37
N ALA B 165 6.76 27.89 -5.26
CA ALA B 165 6.92 28.67 -6.48
C ALA B 165 7.05 30.16 -6.13
N ARG B 166 6.24 30.62 -5.18
CA ARG B 166 6.26 32.01 -4.76
C ARG B 166 7.64 32.39 -4.23
N ARG B 167 8.21 31.53 -3.38
CA ARG B 167 9.53 31.79 -2.82
C ARG B 167 10.63 31.72 -3.86
N ARG B 169 10.52 32.42 -6.88
CA ARG B 169 10.47 33.64 -7.69
C ARG B 169 11.03 34.82 -6.92
N GLU B 170 10.66 34.94 -5.65
CA GLU B 170 11.17 36.05 -4.85
C GLU B 170 12.68 35.94 -4.69
N ALA B 171 13.20 34.72 -4.65
CA ALA B 171 14.62 34.53 -4.49
C ALA B 171 15.33 34.80 -5.82
N GLY B 172 14.57 35.31 -6.78
CA GLY B 172 15.14 35.58 -8.08
C GLY B 172 15.45 34.25 -8.74
N GLY B 173 14.56 33.27 -8.55
CA GLY B 173 14.72 31.95 -9.12
C GLY B 173 13.73 31.63 -10.24
N TYR B 174 13.74 30.40 -10.73
CA TYR B 174 12.86 30.00 -11.83
C TYR B 174 11.87 28.90 -11.48
N VAL B 175 10.67 28.97 -12.06
CA VAL B 175 9.64 27.96 -11.81
C VAL B 175 9.22 27.27 -13.12
N LEU B 176 9.15 25.94 -13.10
CA LEU B 176 8.73 25.20 -14.29
C LEU B 176 7.46 24.43 -13.95
N PHE B 177 6.32 24.92 -14.45
CA PHE B 177 5.06 24.26 -14.18
C PHE B 177 4.70 23.31 -15.30
N ASP B 178 4.57 22.02 -14.96
CA ASP B 178 4.20 20.97 -15.89
C ASP B 178 2.72 20.67 -15.57
N VAL B 179 1.82 21.09 -16.45
CA VAL B 179 0.40 20.87 -16.19
C VAL B 179 0.05 19.43 -16.55
N ASN B 180 0.64 18.51 -15.80
CA ASN B 180 0.48 17.07 -15.97
C ASN B 180 -0.93 16.69 -15.48
N LEU B 181 -1.94 17.08 -16.24
CA LEU B 181 -3.33 16.84 -15.87
C LEU B 181 -3.75 15.38 -15.64
N ARG B 182 -4.27 15.12 -14.43
CA ARG B 182 -4.72 13.78 -14.04
C ARG B 182 -6.17 13.80 -13.53
N SER B 183 -7.09 14.23 -14.39
CA SER B 183 -8.52 14.31 -14.07
C SER B 183 -9.01 13.29 -13.04
N LYS B 184 -8.67 12.03 -13.27
CA LYS B 184 -9.08 10.95 -12.38
C LYS B 184 -8.70 11.21 -10.92
N TRP B 186 -7.96 13.69 -9.37
CA TRP B 186 -8.57 14.88 -8.79
C TRP B 186 -9.93 14.59 -8.16
N GLY B 187 -10.18 15.19 -7.00
CA GLY B 187 -11.45 15.01 -6.31
C GLY B 187 -12.48 15.95 -6.91
N ASN B 188 -12.26 17.25 -6.78
CA ASN B 188 -13.17 18.23 -7.35
C ASN B 188 -12.54 18.72 -8.65
N THR B 189 -13.09 18.26 -9.77
CA THR B 189 -12.55 18.64 -11.08
C THR B 189 -12.81 20.09 -11.45
N ASP B 190 -13.39 20.86 -10.53
CA ASP B 190 -13.67 22.26 -10.78
C ASP B 190 -12.52 23.11 -10.32
N GLU B 191 -11.78 22.61 -9.34
CA GLU B 191 -10.64 23.33 -8.78
C GLU B 191 -9.49 23.42 -9.75
N ILE B 192 -9.45 22.47 -10.69
CA ILE B 192 -8.40 22.39 -11.70
C ILE B 192 -8.15 23.60 -12.58
N PRO B 193 -9.17 24.09 -13.29
CA PRO B 193 -8.97 25.27 -14.15
C PRO B 193 -8.41 26.46 -13.38
N GLU B 194 -8.83 26.59 -12.13
CA GLU B 194 -8.41 27.68 -11.27
C GLU B 194 -6.98 27.51 -10.80
N LEU B 195 -6.64 26.32 -10.31
CA LEU B 195 -5.29 26.05 -9.84
C LEU B 195 -4.27 26.07 -10.99
N ILE B 196 -4.72 25.75 -12.19
CA ILE B 196 -3.84 25.76 -13.36
C ILE B 196 -3.48 27.20 -13.74
N ALA B 197 -4.48 28.07 -13.68
CA ALA B 197 -4.27 29.48 -14.02
C ALA B 197 -3.39 30.18 -12.98
N ARG B 198 -3.66 29.94 -11.71
CA ARG B 198 -2.89 30.56 -10.66
C ARG B 198 -1.45 30.09 -10.78
N SER B 199 -1.28 28.87 -11.28
CA SER B 199 0.04 28.30 -11.46
C SER B 199 0.77 28.93 -12.63
N ALA B 200 0.05 29.11 -13.72
CA ALA B 200 0.63 29.71 -14.92
C ALA B 200 1.19 31.07 -14.52
N ALA B 201 0.45 31.77 -13.66
CA ALA B 201 0.82 33.09 -13.17
C ALA B 201 2.19 33.09 -12.50
N LEU B 202 2.46 32.07 -11.68
CA LEU B 202 3.74 31.96 -10.98
C LEU B 202 4.87 31.38 -11.83
N ALA B 203 4.53 30.60 -12.84
CA ALA B 203 5.54 29.94 -13.64
C ALA B 203 6.44 30.80 -14.54
N SER B 204 7.65 30.32 -14.74
CA SER B 204 8.59 31.00 -15.61
C SER B 204 8.38 30.37 -16.99
N ILE B 205 8.17 29.05 -16.99
CA ILE B 205 7.90 28.29 -18.21
C ILE B 205 6.84 27.24 -17.91
N CYS B 206 5.86 27.09 -18.80
CA CYS B 206 4.82 26.09 -18.61
C CYS B 206 4.95 25.03 -19.67
N LYS B 207 4.86 23.77 -19.25
CA LYS B 207 4.93 22.64 -20.17
C LYS B 207 3.59 21.92 -20.15
N VAL B 208 3.07 21.63 -21.34
CA VAL B 208 1.79 20.96 -21.48
C VAL B 208 1.77 19.99 -22.69
N SER B 209 0.81 19.07 -22.71
CA SER B 209 0.69 18.11 -23.80
C SER B 209 -0.48 18.49 -24.70
N ALA B 210 -0.42 18.07 -25.97
CA ALA B 210 -1.48 18.37 -26.93
C ALA B 210 -2.84 18.05 -26.35
N ASP B 211 -2.99 16.85 -25.81
CA ASP B 211 -4.27 16.44 -25.24
C ASP B 211 -4.59 17.31 -24.02
N GLU B 212 -3.58 17.54 -23.19
CA GLU B 212 -3.76 18.36 -21.99
C GLU B 212 -4.38 19.71 -22.35
N LEU B 213 -4.03 20.23 -23.53
CA LEU B 213 -4.58 21.50 -23.97
C LEU B 213 -6.06 21.30 -24.27
N CYS B 214 -6.38 20.25 -25.02
CA CYS B 214 -7.77 19.94 -25.37
C CYS B 214 -8.62 19.73 -24.13
N GLN B 215 -8.07 19.09 -23.11
CA GLN B 215 -8.80 18.88 -21.87
C GLN B 215 -9.24 20.21 -21.23
N LEU B 216 -8.31 21.15 -21.05
CA LEU B 216 -8.60 22.44 -20.42
C LEU B 216 -9.41 23.41 -21.26
N SER B 217 -9.01 23.55 -22.53
CA SER B 217 -9.68 24.47 -23.46
C SER B 217 -10.98 23.87 -23.93
N GLY B 218 -10.98 22.53 -24.03
CA GLY B 218 -12.15 21.81 -24.46
C GLY B 218 -12.22 21.70 -25.98
N ALA B 219 -11.19 22.20 -26.65
CA ALA B 219 -11.14 22.15 -28.10
C ALA B 219 -10.73 20.76 -28.57
N SER B 220 -10.98 20.48 -29.84
CA SER B 220 -10.63 19.17 -30.41
C SER B 220 -9.20 19.22 -30.96
N HIS B 221 -8.88 20.32 -31.64
CA HIS B 221 -7.55 20.51 -32.18
C HIS B 221 -6.79 21.41 -31.21
N TRP B 222 -5.59 20.99 -30.80
CA TRP B 222 -4.81 21.78 -29.84
C TRP B 222 -4.31 23.13 -30.36
N GLN B 223 -4.00 23.21 -31.66
CA GLN B 223 -3.52 24.47 -32.22
C GLN B 223 -4.53 25.58 -31.94
N ASP B 224 -5.81 25.23 -31.94
CA ASP B 224 -6.85 26.20 -31.65
C ASP B 224 -6.74 26.58 -30.19
N ALA B 225 -5.85 25.89 -29.46
CA ALA B 225 -5.68 26.13 -28.03
C ALA B 225 -4.23 26.38 -27.57
N ARG B 226 -3.32 26.71 -28.49
CA ARG B 226 -1.95 26.91 -28.07
C ARG B 226 -1.68 28.16 -27.23
N TYR B 227 -2.67 29.04 -27.12
CA TYR B 227 -2.50 30.25 -26.32
C TYR B 227 -3.28 30.17 -25.02
N TYR B 228 -3.80 29.00 -24.70
CA TYR B 228 -4.59 28.83 -23.49
C TYR B 228 -3.90 29.36 -22.21
N LEU B 229 -2.65 28.96 -22.03
CA LEU B 229 -1.86 29.34 -20.88
C LEU B 229 -1.24 30.72 -21.05
N ARG B 230 -0.93 31.07 -22.29
CA ARG B 230 -0.33 32.37 -22.59
C ARG B 230 -1.24 33.47 -22.04
N ASP B 231 -2.54 33.29 -22.19
CA ASP B 231 -3.52 34.26 -21.72
C ASP B 231 -3.69 34.18 -20.22
N LEU B 232 -2.99 33.25 -19.61
CA LEU B 232 -3.06 33.06 -18.17
C LEU B 232 -1.80 33.55 -17.47
N GLY B 233 -0.97 34.30 -18.21
CA GLY B 233 0.24 34.83 -17.63
C GLY B 233 1.56 34.12 -17.93
N CYS B 234 1.58 33.10 -18.77
CA CYS B 234 2.87 32.48 -19.03
C CYS B 234 3.42 32.87 -20.39
N ASP B 235 4.51 33.63 -20.35
CA ASP B 235 5.18 34.14 -21.55
C ASP B 235 5.89 33.09 -22.39
N THR B 236 6.24 31.96 -21.78
CA THR B 236 6.95 30.89 -22.48
C THR B 236 6.23 29.56 -22.21
N THR B 237 5.77 28.90 -23.28
CA THR B 237 5.08 27.62 -23.11
C THR B 237 5.62 26.55 -24.04
N ILE B 238 5.82 25.36 -23.49
CA ILE B 238 6.30 24.26 -24.31
C ILE B 238 5.23 23.17 -24.36
N ILE B 239 4.53 23.09 -25.51
CA ILE B 239 3.49 22.10 -25.73
C ILE B 239 4.11 20.83 -26.33
N SER B 240 4.11 19.76 -25.55
CA SER B 240 4.66 18.48 -25.99
C SER B 240 3.71 17.90 -27.04
N LEU B 241 4.28 17.34 -28.10
CA LEU B 241 3.49 16.76 -29.18
C LEU B 241 3.85 15.29 -29.34
N GLY B 242 4.79 14.82 -28.53
CA GLY B 242 5.21 13.43 -28.61
C GLY B 242 6.14 13.10 -29.76
N ALA B 243 5.68 12.22 -30.65
CA ALA B 243 6.45 11.78 -31.81
C ALA B 243 6.71 12.93 -32.77
N ASP B 244 5.79 13.90 -32.78
CA ASP B 244 5.92 15.04 -33.65
C ASP B 244 6.83 16.07 -33.03
N GLY B 245 7.31 15.81 -31.82
CA GLY B 245 8.24 16.74 -31.18
C GLY B 245 7.67 17.77 -30.24
N ALA B 246 7.95 19.04 -30.52
CA ALA B 246 7.46 20.09 -29.63
C ALA B 246 7.35 21.47 -30.26
N LEU B 247 6.34 22.22 -29.81
CA LEU B 247 6.08 23.57 -30.28
C LEU B 247 6.37 24.50 -29.12
N LEU B 248 7.08 25.58 -29.40
CA LEU B 248 7.42 26.54 -28.39
C LEU B 248 6.66 27.82 -28.65
N ILE B 249 6.07 28.38 -27.61
CA ILE B 249 5.34 29.62 -27.74
C ILE B 249 5.97 30.69 -26.86
N THR B 250 6.36 31.80 -27.49
CA THR B 250 6.95 32.94 -26.81
C THR B 250 6.41 34.19 -27.48
N ALA B 251 6.68 35.35 -26.91
CA ALA B 251 6.18 36.61 -27.47
C ALA B 251 6.54 36.79 -28.94
N GLU B 252 7.81 36.61 -29.26
CA GLU B 252 8.29 36.78 -30.62
C GLU B 252 7.71 35.81 -31.63
N GLY B 253 6.96 34.81 -31.15
CA GLY B 253 6.35 33.82 -32.02
C GLY B 253 6.38 32.38 -31.51
N GLU B 254 6.37 31.42 -32.43
CA GLU B 254 6.40 30.02 -32.05
C GLU B 254 7.27 29.24 -33.01
N PHE B 255 8.07 28.33 -32.48
CA PHE B 255 9.00 27.56 -33.29
C PHE B 255 8.86 26.07 -33.06
N HIS B 256 8.80 25.32 -34.16
CA HIS B 256 8.64 23.86 -34.09
C HIS B 256 9.92 23.05 -34.07
N PHE B 257 9.97 22.10 -33.15
CA PHE B 257 11.13 21.23 -33.00
C PHE B 257 10.70 19.77 -33.19
N PRO B 258 10.98 19.20 -34.38
CA PRO B 258 10.63 17.82 -34.69
C PRO B 258 11.34 16.79 -33.80
N ALA B 259 10.75 15.61 -33.67
CA ALA B 259 11.32 14.58 -32.83
C ALA B 259 12.15 13.52 -33.56
N PRO B 260 13.07 12.89 -32.84
CA PRO B 260 13.93 11.84 -33.40
C PRO B 260 13.07 10.63 -33.81
N ARG B 261 13.45 10.00 -34.91
CA ARG B 261 12.72 8.84 -35.42
C ARG B 261 13.07 7.58 -34.61
N VAL B 262 12.03 6.91 -34.10
CA VAL B 262 12.20 5.69 -33.31
C VAL B 262 10.99 4.76 -33.41
N ASP B 263 11.19 3.50 -33.10
CA ASP B 263 10.09 2.54 -33.13
C ASP B 263 9.34 2.70 -31.82
N VAL B 264 8.16 3.31 -31.92
CA VAL B 264 7.31 3.56 -30.77
C VAL B 264 6.76 2.28 -30.16
N VAL B 265 7.17 1.96 -28.95
CA VAL B 265 6.69 0.74 -28.29
C VAL B 265 6.04 0.98 -26.94
N ASP B 266 6.68 1.79 -26.09
CA ASP B 266 6.16 2.09 -24.76
C ASP B 266 6.35 3.57 -24.41
N THR B 267 5.25 4.30 -24.32
CA THR B 267 5.27 5.74 -24.02
C THR B 267 5.22 6.16 -22.54
N THR B 268 5.40 5.20 -21.64
CA THR B 268 5.36 5.50 -20.21
C THR B 268 6.54 6.38 -19.78
N GLY B 269 6.31 7.26 -18.82
CA GLY B 269 7.37 8.14 -18.34
C GLY B 269 8.05 8.95 -19.42
N ALA B 270 7.45 9.02 -20.61
CA ALA B 270 8.07 9.81 -21.66
C ALA B 270 8.00 11.26 -21.25
N GLY B 271 6.84 11.67 -20.76
CA GLY B 271 6.66 13.04 -20.34
C GLY B 271 7.61 13.50 -19.25
N ASP B 272 7.90 12.61 -18.31
CA ASP B 272 8.80 12.94 -17.20
C ASP B 272 10.24 13.06 -17.70
N ALA B 273 10.58 12.20 -18.66
CA ALA B 273 11.91 12.20 -19.24
C ALA B 273 12.09 13.48 -20.03
N PHE B 274 11.01 13.93 -20.67
CA PHE B 274 11.03 15.15 -21.48
C PHE B 274 11.31 16.38 -20.63
N VAL B 275 10.63 16.45 -19.49
CA VAL B 275 10.78 17.58 -18.60
C VAL B 275 12.11 17.51 -17.86
N GLY B 276 12.59 16.29 -17.65
CA GLY B 276 13.85 16.08 -16.97
C GLY B 276 15.00 16.67 -17.79
N GLY B 277 15.07 16.26 -19.06
CA GLY B 277 16.11 16.77 -19.93
C GLY B 277 15.94 18.26 -20.13
N LEU B 278 14.71 18.75 -20.03
CA LEU B 278 14.48 20.17 -20.20
C LEU B 278 15.11 20.98 -19.06
N LEU B 279 14.93 20.53 -17.82
CA LEU B 279 15.51 21.22 -16.67
C LEU B 279 17.03 21.09 -16.64
N PHE B 280 17.54 19.91 -16.99
CA PHE B 280 18.97 19.65 -17.02
C PHE B 280 19.70 20.69 -17.88
N THR B 281 18.99 21.25 -18.86
CA THR B 281 19.57 22.24 -19.76
C THR B 281 19.44 23.65 -19.22
N LEU B 282 18.22 24.09 -18.96
CA LEU B 282 18.01 25.45 -18.45
C LEU B 282 18.79 25.81 -17.19
N SER B 283 19.34 24.80 -16.51
CA SER B 283 20.09 25.00 -15.26
C SER B 283 21.56 25.27 -15.54
N ARG B 284 22.07 24.66 -16.61
CA ARG B 284 23.47 24.79 -17.01
C ARG B 284 23.89 26.23 -17.25
N ALA B 285 23.00 27.16 -16.93
CA ALA B 285 23.25 28.58 -17.10
C ALA B 285 22.54 29.37 -16.00
N ASN B 286 22.51 30.70 -16.14
CA ASN B 286 21.87 31.55 -15.16
C ASN B 286 20.57 32.13 -15.68
N CYS B 287 20.60 32.63 -16.91
CA CYS B 287 19.40 33.22 -17.48
C CYS B 287 19.24 32.77 -18.92
N TRP B 288 18.56 31.65 -19.10
CA TRP B 288 18.31 31.09 -20.44
C TRP B 288 17.99 32.17 -21.46
N ASP B 289 18.60 32.02 -22.64
CA ASP B 289 18.40 32.95 -23.75
C ASP B 289 17.97 32.12 -24.97
N HIS B 290 17.71 32.80 -26.09
CA HIS B 290 17.29 32.13 -27.30
C HIS B 290 17.97 30.79 -27.50
N ALA B 291 19.29 30.78 -27.52
CA ALA B 291 20.05 29.54 -27.73
C ALA B 291 19.88 28.41 -26.71
N LEU B 292 19.89 28.72 -25.42
CA LEU B 292 19.76 27.65 -24.43
C LEU B 292 18.36 27.05 -24.47
N LEU B 293 17.36 27.90 -24.60
CA LEU B 293 15.97 27.46 -24.69
C LEU B 293 15.82 26.60 -25.93
N ALA B 294 16.60 26.92 -26.96
CA ALA B 294 16.56 26.18 -28.20
C ALA B 294 17.09 24.77 -27.98
N GLU B 295 18.23 24.66 -27.32
CA GLU B 295 18.83 23.34 -27.05
C GLU B 295 18.09 22.52 -25.99
N ALA B 296 17.44 23.19 -25.04
CA ALA B 296 16.72 22.48 -23.99
C ALA B 296 15.67 21.56 -24.59
N ILE B 297 14.89 22.09 -25.54
CA ILE B 297 13.83 21.33 -26.18
C ILE B 297 14.35 20.14 -26.98
N SER B 298 15.59 20.26 -27.47
CA SER B 298 16.19 19.16 -28.22
C SER B 298 16.52 18.03 -27.26
N ASN B 299 16.96 18.39 -26.06
CA ASN B 299 17.28 17.40 -25.03
C ASN B 299 16.00 16.69 -24.59
N ALA B 300 14.94 17.46 -24.49
CA ALA B 300 13.64 16.95 -24.08
C ALA B 300 13.15 15.90 -25.06
N ASN B 301 13.02 16.28 -26.33
CA ASN B 301 12.56 15.36 -27.37
C ASN B 301 13.42 14.10 -27.36
N ALA B 302 14.72 14.30 -27.18
CA ALA B 302 15.70 13.22 -27.10
C ALA B 302 15.37 12.28 -25.94
N CYS B 303 15.48 12.81 -24.72
CA CYS B 303 15.21 12.06 -23.50
C CYS B 303 13.80 11.50 -23.52
N GLY B 304 12.93 12.14 -24.30
CA GLY B 304 11.56 11.69 -24.39
C GLY B 304 11.44 10.46 -25.27
N ALA B 305 12.34 10.33 -26.24
CA ALA B 305 12.30 9.19 -27.14
C ALA B 305 12.95 7.94 -26.53
N ALA B 307 12.82 6.83 -24.09
CA ALA B 307 11.78 6.17 -23.32
C ALA B 307 10.86 5.30 -24.19
N VAL B 308 10.19 5.92 -25.15
CA VAL B 308 9.27 5.19 -26.02
C VAL B 308 9.89 4.02 -26.80
N THR B 309 11.20 4.09 -27.02
CA THR B 309 11.94 3.06 -27.73
C THR B 309 12.33 1.89 -26.81
N ALA B 310 12.86 2.23 -25.64
CA ALA B 310 13.28 1.25 -24.66
C ALA B 310 12.14 0.77 -23.76
N LYS B 311 12.51 0.28 -22.57
CA LYS B 311 11.56 -0.24 -21.57
C LYS B 311 10.66 0.82 -20.99
N THR B 315 12.59 4.23 -16.18
CA THR B 315 13.88 3.55 -16.29
C THR B 315 14.57 3.83 -17.62
N ALA B 316 13.77 4.14 -18.65
CA ALA B 316 14.31 4.42 -19.97
C ALA B 316 15.12 5.71 -19.98
N LEU B 317 15.42 6.22 -18.78
CA LEU B 317 16.20 7.43 -18.60
C LEU B 317 17.65 7.08 -18.91
N PRO B 318 18.34 7.93 -19.68
CA PRO B 318 19.74 7.67 -20.04
C PRO B 318 20.77 8.44 -19.22
N PHE B 319 22.03 8.08 -19.42
CA PHE B 319 23.16 8.74 -18.77
C PHE B 319 23.78 9.49 -19.94
N PRO B 320 24.54 10.57 -19.66
CA PRO B 320 25.19 11.37 -20.71
C PRO B 320 25.86 10.57 -21.82
N ASP B 321 26.55 9.50 -21.44
CA ASP B 321 27.23 8.64 -22.41
C ASP B 321 26.27 8.01 -23.40
N GLN B 322 25.13 7.52 -22.91
CA GLN B 322 24.14 6.87 -23.75
C GLN B 322 23.31 7.87 -24.56
N LEU B 323 23.06 9.04 -23.98
CA LEU B 323 22.31 10.08 -24.66
C LEU B 323 23.00 10.40 -25.98
N ASN B 324 24.28 10.75 -25.88
CA ASN B 324 25.11 11.11 -27.03
C ASN B 324 25.20 10.03 -28.11
N THR B 325 25.50 8.80 -27.70
CA THR B 325 25.59 7.71 -28.67
C THR B 325 24.27 7.57 -29.39
N PHE B 326 23.21 8.14 -28.79
CA PHE B 326 21.87 8.10 -29.36
C PHE B 326 21.57 9.34 -30.21
N LEU B 327 21.86 10.53 -29.69
CA LEU B 327 21.61 11.77 -30.43
C LEU B 327 22.13 11.62 -31.85
N SER B 328 23.13 10.75 -32.01
CA SER B 328 23.74 10.53 -33.30
C SER B 328 23.06 9.39 -34.05
N SER B 329 23.79 8.29 -34.26
CA SER B 329 23.23 7.15 -34.97
C SER B 329 22.44 6.32 -33.97
N HIS B 330 21.12 6.54 -33.94
CA HIS B 330 20.21 5.83 -33.04
C HIS B 330 18.81 6.45 -33.07
#